data_3FSI
#
_entry.id   3FSI
#
_cell.length_a   53.743
_cell.length_b   145.592
_cell.length_c   46.570
_cell.angle_alpha   90.000
_cell.angle_beta   90.000
_cell.angle_gamma   90.000
#
_symmetry.space_group_name_H-M   'P 21 21 2'
#
loop_
_entity.id
_entity.type
_entity.pdbx_description
1 polymer 'Reverse transcriptase domain'
2 polymer "5'-D(*CP*TP*TP*AP*AP*TP*TP*C)-3'"
3 polymer "5'-D(P*GP*AP*AP*TP*TP*AP*AP*G)-3'"
4 non-polymer 'ACETATE ION'
5 non-polymer N1-(4,5-dihydro-1H-imidazol-2-yl)-N4-(4-((4,5-dihydro-1H-imidazol-2-yl)amino)phenyl)benzene-1,4-diamine
6 water water
#
loop_
_entity_poly.entity_id
_entity_poly.type
_entity_poly.pdbx_seq_one_letter_code
_entity_poly.pdbx_strand_id
1 'polypeptide(L)'
;TWLSDFPQAWAETGGMGLAVRQAPLIIPLKATSTPVSIKQYPMSQEARLGIKPHIQRLLDQGILVPCQSPWNTPLLPVKK
PGTNDYRPVQDLREVNKRVEDIHPTVPNPYNLLSGLPPSHQWYTVLDLKDAFFCLRLHPTSQPLFAFEWRDPEMGISGQL
TWTRLPQGFKNSPTLFDEALHRDLADFRIQHPDLILLQYVDDLLLAATSELDCQQGTRALLQTLGNLGYRASAKKAQICQ
KQVKYLGYLLKEGQR
;
A
2 'polydeoxyribonucleotide' (DC)(DT)(DT)(DA)(DA)(DT)(DT)(DC) G
3 'polydeoxyribonucleotide' (DG)(DA)(DA)(DT)(DT)(DA)(DA)(DG) B
#
loop_
_chem_comp.id
_chem_comp.type
_chem_comp.name
_chem_comp.formula
ACT non-polymer 'ACETATE ION' 'C2 H3 O2 -1'
DA DNA linking 2'-DEOXYADENOSINE-5'-MONOPHOSPHATE 'C10 H14 N5 O6 P'
DC DNA linking 2'-DEOXYCYTIDINE-5'-MONOPHOSPHATE 'C9 H14 N3 O7 P'
DG DNA linking 2'-DEOXYGUANOSINE-5'-MONOPHOSPHATE 'C10 H14 N5 O7 P'
DT DNA linking THYMIDINE-5'-MONOPHOSPHATE 'C10 H15 N2 O8 P'
MWB non-polymer N1-(4,5-dihydro-1H-imidazol-2-yl)-N4-(4-((4,5-dihydro-1H-imidazol-2-yl)amino)phenyl)benzene-1,4-diamine 'C18 H21 N7'
#
# COMPACT_ATOMS: atom_id res chain seq x y z
N THR A 1 15.89 -21.90 -0.71
CA THR A 1 14.64 -21.40 -0.04
C THR A 1 14.48 -19.89 -0.21
N TRP A 2 13.48 -19.50 -0.97
CA TRP A 2 13.22 -18.09 -1.24
C TRP A 2 13.03 -17.24 0.02
N LEU A 3 12.37 -17.79 1.03
CA LEU A 3 12.12 -17.01 2.25
C LEU A 3 13.40 -16.76 3.05
N SER A 4 14.28 -17.74 3.11
CA SER A 4 15.52 -17.59 3.88
C SER A 4 16.56 -16.66 3.27
N ASP A 5 16.69 -16.68 1.95
CA ASP A 5 17.68 -15.83 1.28
C ASP A 5 17.30 -14.37 1.13
N PHE A 6 16.03 -14.05 1.38
CA PHE A 6 15.57 -12.67 1.26
C PHE A 6 14.69 -12.28 2.44
N PRO A 7 15.23 -12.38 3.67
CA PRO A 7 14.51 -12.04 4.90
C PRO A 7 13.93 -10.63 4.92
N GLN A 8 14.67 -9.67 4.38
CA GLN A 8 14.24 -8.28 4.36
C GLN A 8 13.07 -8.00 3.41
N ALA A 9 12.93 -8.82 2.37
CA ALA A 9 11.88 -8.63 1.38
C ALA A 9 10.48 -9.11 1.79
N TRP A 10 10.41 -10.10 2.68
CA TRP A 10 9.12 -10.63 3.09
C TRP A 10 8.54 -9.95 4.34
N ALA A 11 7.24 -9.69 4.29
CA ALA A 11 6.55 -9.06 5.40
C ALA A 11 6.61 -9.94 6.65
N GLU A 12 6.71 -11.24 6.42
CA GLU A 12 6.77 -12.21 7.51
C GLU A 12 8.06 -12.13 8.31
N THR A 13 9.15 -11.76 7.65
CA THR A 13 10.44 -11.72 8.30
C THR A 13 11.24 -10.41 8.27
N GLY A 14 10.70 -9.38 7.62
CA GLY A 14 11.42 -8.13 7.53
C GLY A 14 10.86 -6.96 8.32
N GLY A 15 9.80 -7.19 9.08
CA GLY A 15 9.21 -6.11 9.85
C GLY A 15 8.45 -5.17 8.94
N MET A 16 7.74 -4.21 9.55
CA MET A 16 6.96 -3.24 8.78
C MET A 16 7.85 -2.52 7.77
N GLY A 17 7.25 -2.13 6.65
CA GLY A 17 8.01 -1.44 5.62
C GLY A 17 8.03 0.07 5.76
N LEU A 18 8.86 0.71 4.96
CA LEU A 18 9.00 2.16 4.93
C LEU A 18 9.82 2.48 3.68
N ALA A 19 9.20 3.16 2.73
CA ALA A 19 9.88 3.52 1.48
C ALA A 19 10.80 4.70 1.74
N VAL A 20 12.01 4.38 2.17
CA VAL A 20 13.00 5.39 2.52
C VAL A 20 13.43 6.37 1.43
N ARG A 21 13.30 5.97 0.16
CA ARG A 21 13.72 6.83 -0.93
C ARG A 21 12.66 7.84 -1.32
N GLN A 22 11.44 7.61 -0.86
CA GLN A 22 10.33 8.49 -1.18
C GLN A 22 10.07 9.59 -0.17
N ALA A 23 10.10 10.83 -0.63
CA ALA A 23 9.86 11.97 0.23
C ALA A 23 8.44 11.90 0.80
N PRO A 24 8.24 12.38 2.03
CA PRO A 24 6.92 12.38 2.67
C PRO A 24 5.95 13.11 1.75
N LEU A 25 4.80 12.51 1.52
CA LEU A 25 3.80 13.08 0.63
C LEU A 25 3.06 14.31 1.14
N ILE A 26 2.94 15.29 0.25
CA ILE A 26 2.21 16.53 0.53
C ILE A 26 0.91 16.36 -0.27
N ILE A 27 -0.22 16.58 0.41
CA ILE A 27 -1.53 16.42 -0.23
C ILE A 27 -2.19 17.78 -0.45
N PRO A 28 -2.14 18.30 -1.69
CA PRO A 28 -2.75 19.60 -1.97
C PRO A 28 -4.26 19.60 -1.88
N LEU A 29 -4.81 20.67 -1.31
CA LEU A 29 -6.25 20.82 -1.18
C LEU A 29 -6.78 21.67 -2.32
N LYS A 30 -8.09 21.57 -2.56
CA LYS A 30 -8.73 22.37 -3.60
C LYS A 30 -8.63 23.82 -3.14
N ALA A 31 -8.71 24.75 -4.09
CA ALA A 31 -8.59 26.16 -3.81
C ALA A 31 -9.54 26.75 -2.77
N THR A 32 -10.74 26.20 -2.65
CA THR A 32 -11.71 26.72 -1.69
C THR A 32 -11.90 25.87 -0.45
N SER A 33 -11.11 24.81 -0.31
CA SER A 33 -11.25 23.92 0.84
C SER A 33 -10.94 24.48 2.22
N THR A 34 -11.82 24.15 3.16
CA THR A 34 -11.66 24.56 4.55
C THR A 34 -11.85 23.26 5.37
N PRO A 35 -11.13 23.13 6.50
CA PRO A 35 -11.24 21.94 7.34
C PRO A 35 -12.67 21.58 7.71
N VAL A 36 -12.96 20.28 7.73
CA VAL A 36 -14.28 19.79 8.11
C VAL A 36 -14.10 18.88 9.31
N SER A 37 -14.97 19.03 10.30
CA SER A 37 -14.90 18.24 11.51
C SER A 37 -16.21 17.48 11.69
N ILE A 38 -16.21 16.20 11.36
CA ILE A 38 -17.38 15.36 11.48
C ILE A 38 -17.32 14.65 12.83
N LYS A 39 -18.38 14.78 13.63
CA LYS A 39 -18.39 14.14 14.94
C LYS A 39 -18.44 12.62 14.82
N GLN A 40 -17.73 11.95 15.72
CA GLN A 40 -17.69 10.50 15.73
C GLN A 40 -19.03 9.96 16.23
N TYR A 41 -19.68 9.15 15.42
CA TYR A 41 -20.95 8.57 15.82
C TYR A 41 -20.64 7.58 16.94
N PRO A 42 -21.49 7.53 17.98
CA PRO A 42 -21.26 6.61 19.10
C PRO A 42 -20.94 5.20 18.60
N MET A 43 -19.91 4.60 19.19
CA MET A 43 -19.50 3.26 18.79
C MET A 43 -19.74 2.32 19.97
N SER A 44 -20.37 1.17 19.68
CA SER A 44 -20.67 0.17 20.71
C SER A 44 -19.37 -0.33 21.33
N GLN A 45 -19.47 -0.90 22.52
CA GLN A 45 -18.28 -1.41 23.16
C GLN A 45 -17.73 -2.59 22.35
N GLU A 46 -18.63 -3.38 21.77
CA GLU A 46 -18.22 -4.53 20.99
C GLU A 46 -17.28 -4.07 19.86
N ALA A 47 -17.67 -3.01 19.17
CA ALA A 47 -16.86 -2.48 18.07
C ALA A 47 -15.54 -1.90 18.54
N ARG A 48 -15.58 -1.14 19.64
CA ARG A 48 -14.37 -0.54 20.19
C ARG A 48 -13.37 -1.60 20.63
N LEU A 49 -13.85 -2.67 21.25
CA LEU A 49 -12.95 -3.73 21.70
C LEU A 49 -12.34 -4.47 20.50
N GLY A 50 -13.12 -4.58 19.44
CA GLY A 50 -12.64 -5.26 18.25
C GLY A 50 -11.56 -4.45 17.56
N ILE A 51 -11.78 -3.14 17.50
CA ILE A 51 -10.85 -2.20 16.86
C ILE A 51 -9.61 -1.91 17.69
N LYS A 52 -9.78 -1.84 19.00
CA LYS A 52 -8.70 -1.50 19.93
C LYS A 52 -7.31 -2.10 19.68
N PRO A 53 -7.21 -3.42 19.52
CA PRO A 53 -5.91 -4.07 19.27
C PRO A 53 -5.21 -3.50 18.04
N HIS A 54 -5.97 -3.20 17.00
CA HIS A 54 -5.39 -2.65 15.77
C HIS A 54 -4.89 -1.23 15.98
N ILE A 55 -5.63 -0.43 16.72
CA ILE A 55 -5.22 0.93 16.99
C ILE A 55 -3.94 0.91 17.82
N GLN A 56 -3.87 -0.01 18.78
CA GLN A 56 -2.69 -0.13 19.63
C GLN A 56 -1.45 -0.52 18.82
N ARG A 57 -1.61 -1.48 17.91
CA ARG A 57 -0.50 -1.93 17.08
C ARG A 57 0.01 -0.79 16.21
N LEU A 58 -0.92 -0.06 15.60
CA LEU A 58 -0.57 1.06 14.73
C LEU A 58 0.12 2.18 15.50
N LEU A 59 -0.29 2.37 16.74
CA LEU A 59 0.32 3.39 17.59
C LEU A 59 1.74 2.93 17.92
N ASP A 60 1.88 1.65 18.25
CA ASP A 60 3.18 1.09 18.58
C ASP A 60 4.13 1.18 17.38
N GLN A 61 3.56 1.03 16.19
CA GLN A 61 4.36 1.08 14.96
C GLN A 61 4.64 2.52 14.50
N GLY A 62 4.02 3.49 15.17
CA GLY A 62 4.22 4.88 14.81
C GLY A 62 3.44 5.31 13.60
N ILE A 63 2.58 4.42 13.10
CA ILE A 63 1.75 4.70 11.92
C ILE A 63 0.61 5.62 12.33
N LEU A 64 0.23 5.56 13.61
CA LEU A 64 -0.80 6.44 14.16
C LEU A 64 -0.13 7.23 15.26
N VAL A 65 -0.49 8.51 15.37
CA VAL A 65 0.06 9.38 16.40
C VAL A 65 -1.01 10.33 16.92
N PRO A 66 -0.89 10.74 18.20
CA PRO A 66 -1.87 11.67 18.77
C PRO A 66 -1.78 12.99 18.04
N CYS A 67 -2.86 13.77 18.09
CA CYS A 67 -2.86 15.06 17.42
C CYS A 67 -4.10 15.86 17.77
N GLN A 68 -4.05 17.15 17.42
CA GLN A 68 -5.17 18.06 17.62
C GLN A 68 -5.34 18.66 16.24
N SER A 69 -6.45 18.36 15.59
CA SER A 69 -6.71 18.84 14.24
C SER A 69 -8.10 19.41 14.01
N PRO A 70 -8.20 20.42 13.12
CA PRO A 70 -9.46 21.07 12.78
C PRO A 70 -10.27 20.12 11.91
N TRP A 71 -9.60 19.06 11.43
CA TRP A 71 -10.23 18.06 10.59
C TRP A 71 -10.59 16.85 11.45
N ASN A 72 -11.71 16.21 11.12
CA ASN A 72 -12.10 15.00 11.81
C ASN A 72 -13.11 14.25 10.98
N THR A 73 -12.87 12.95 10.82
CA THR A 73 -13.79 12.10 10.08
C THR A 73 -14.05 10.87 10.94
N PRO A 74 -15.22 10.24 10.74
CA PRO A 74 -15.68 9.06 11.47
C PRO A 74 -15.01 7.72 11.19
N LEU A 75 -14.97 6.89 12.22
CA LEU A 75 -14.45 5.54 12.13
C LEU A 75 -15.79 4.78 12.12
N LEU A 76 -15.95 3.77 11.25
CA LEU A 76 -17.21 3.04 11.18
C LEU A 76 -17.57 2.28 12.45
N PRO A 77 -18.79 2.51 12.99
CA PRO A 77 -19.28 1.85 14.21
C PRO A 77 -19.50 0.35 14.09
N VAL A 78 -19.58 -0.15 12.86
CA VAL A 78 -19.80 -1.58 12.64
C VAL A 78 -19.01 -2.10 11.45
N TYR A 86 -13.17 -7.49 13.75
CA TYR A 86 -13.18 -6.04 13.55
C TYR A 86 -11.85 -5.49 13.07
N ARG A 87 -11.94 -4.44 12.27
CA ARG A 87 -10.77 -3.74 11.73
C ARG A 87 -11.30 -2.34 11.36
N PRO A 88 -10.67 -1.29 11.90
CA PRO A 88 -11.07 0.10 11.65
C PRO A 88 -11.15 0.55 10.19
N VAL A 89 -12.26 1.19 9.86
CA VAL A 89 -12.49 1.72 8.53
C VAL A 89 -12.92 3.17 8.72
N GLN A 90 -12.14 4.08 8.16
CA GLN A 90 -12.41 5.50 8.28
C GLN A 90 -13.17 6.04 7.09
N ASP A 91 -14.23 6.80 7.35
CA ASP A 91 -15.01 7.38 6.26
C ASP A 91 -14.39 8.72 5.89
N LEU A 92 -13.51 8.70 4.89
CA LEU A 92 -12.80 9.89 4.43
C LEU A 92 -13.45 10.61 3.25
N ARG A 93 -14.71 10.31 2.97
CA ARG A 93 -15.37 10.95 1.83
C ARG A 93 -15.39 12.47 1.88
N GLU A 94 -15.59 13.05 3.06
CA GLU A 94 -15.63 14.51 3.16
C GLU A 94 -14.24 15.12 3.00
N VAL A 95 -13.20 14.34 3.31
CA VAL A 95 -11.84 14.83 3.13
C VAL A 95 -11.53 14.70 1.65
N ASN A 96 -11.93 13.57 1.06
CA ASN A 96 -11.68 13.33 -0.37
C ASN A 96 -12.23 14.45 -1.22
N LYS A 97 -13.44 14.90 -0.90
CA LYS A 97 -14.10 15.97 -1.65
C LYS A 97 -13.32 17.28 -1.61
N ARG A 98 -12.52 17.47 -0.57
CA ARG A 98 -11.77 18.71 -0.42
C ARG A 98 -10.32 18.66 -0.92
N VAL A 99 -9.88 17.48 -1.36
CA VAL A 99 -8.53 17.31 -1.86
C VAL A 99 -8.49 17.49 -3.38
N GLU A 100 -7.51 18.24 -3.86
CA GLU A 100 -7.36 18.48 -5.29
C GLU A 100 -7.20 17.16 -6.05
N ASP A 101 -7.87 17.05 -7.18
CA ASP A 101 -7.80 15.83 -7.97
C ASP A 101 -6.48 15.69 -8.73
N ILE A 102 -6.05 14.46 -8.95
CA ILE A 102 -4.83 14.18 -9.71
C ILE A 102 -5.20 13.24 -10.86
N HIS A 103 -4.39 13.25 -11.92
CA HIS A 103 -4.69 12.39 -13.06
C HIS A 103 -4.65 10.91 -12.68
N PRO A 104 -5.64 10.12 -13.12
CA PRO A 104 -5.68 8.69 -12.79
C PRO A 104 -4.65 7.97 -13.67
N THR A 105 -3.47 7.69 -13.14
CA THR A 105 -2.42 7.05 -13.92
C THR A 105 -2.32 5.52 -13.83
N VAL A 106 -3.08 4.91 -12.91
CA VAL A 106 -3.02 3.47 -12.80
C VAL A 106 -3.81 2.89 -13.96
N PRO A 107 -3.18 2.04 -14.79
CA PRO A 107 -3.88 1.44 -15.93
C PRO A 107 -4.90 0.41 -15.46
N ASN A 108 -5.99 0.23 -16.21
CA ASN A 108 -6.94 -0.79 -15.79
C ASN A 108 -6.27 -2.12 -16.14
N PRO A 109 -6.57 -3.18 -15.38
CA PRO A 109 -5.98 -4.51 -15.59
C PRO A 109 -5.96 -5.01 -17.02
N TYR A 110 -7.05 -4.80 -17.76
CA TYR A 110 -7.08 -5.26 -19.15
C TYR A 110 -5.96 -4.64 -19.97
N ASN A 111 -5.81 -3.31 -19.89
CA ASN A 111 -4.76 -2.64 -20.63
C ASN A 111 -3.37 -3.02 -20.13
N LEU A 112 -3.22 -3.13 -18.81
CA LEU A 112 -1.93 -3.49 -18.25
C LEU A 112 -1.47 -4.86 -18.78
N LEU A 113 -2.37 -5.83 -18.80
CA LEU A 113 -2.03 -7.17 -19.28
C LEU A 113 -1.79 -7.22 -20.78
N SER A 114 -2.17 -6.17 -21.50
CA SER A 114 -1.96 -6.16 -22.95
C SER A 114 -0.46 -6.04 -23.23
N GLY A 115 0.30 -5.67 -22.20
CA GLY A 115 1.74 -5.52 -22.35
C GLY A 115 2.55 -6.75 -21.97
N LEU A 116 1.89 -7.90 -21.95
CA LEU A 116 2.54 -9.17 -21.60
C LEU A 116 2.61 -10.00 -22.89
N PRO A 117 3.82 -10.11 -23.48
CA PRO A 117 4.02 -10.88 -24.71
C PRO A 117 4.14 -12.39 -24.49
N PRO A 118 3.66 -13.21 -25.44
CA PRO A 118 3.69 -14.67 -25.38
C PRO A 118 5.11 -15.23 -25.26
N SER A 119 6.09 -14.38 -25.55
CA SER A 119 7.49 -14.79 -25.47
C SER A 119 7.90 -15.02 -24.01
N HIS A 120 7.23 -14.33 -23.10
CA HIS A 120 7.52 -14.45 -21.67
C HIS A 120 6.45 -15.27 -20.94
N GLN A 121 6.68 -16.57 -20.80
CA GLN A 121 5.71 -17.45 -20.14
C GLN A 121 6.03 -17.98 -18.75
N TRP A 122 7.11 -17.49 -18.14
CA TRP A 122 7.45 -17.91 -16.78
C TRP A 122 7.11 -16.74 -15.88
N TYR A 123 6.21 -16.96 -14.93
CA TYR A 123 5.75 -15.87 -14.08
C TYR A 123 5.98 -15.94 -12.58
N THR A 124 6.10 -14.76 -11.99
CA THR A 124 6.23 -14.60 -10.55
C THR A 124 5.26 -13.49 -10.19
N VAL A 125 4.40 -13.75 -9.21
CA VAL A 125 3.44 -12.75 -8.77
C VAL A 125 3.68 -12.46 -7.30
N LEU A 126 3.83 -11.18 -6.98
CA LEU A 126 4.03 -10.76 -5.61
C LEU A 126 3.04 -9.67 -5.28
N ASP A 127 2.58 -9.64 -4.05
CA ASP A 127 1.70 -8.57 -3.63
C ASP A 127 2.37 -7.99 -2.40
N LEU A 128 2.43 -6.67 -2.36
CA LEU A 128 3.08 -5.97 -1.25
C LEU A 128 2.11 -5.78 -0.09
N LYS A 129 2.57 -6.15 1.10
CA LYS A 129 1.77 -6.04 2.31
C LYS A 129 1.74 -4.62 2.87
N ASP A 130 0.55 -4.15 3.24
CA ASP A 130 0.35 -2.82 3.80
C ASP A 130 1.14 -1.78 3.01
N ALA A 131 1.02 -1.87 1.70
CA ALA A 131 1.71 -0.98 0.77
C ALA A 131 1.57 0.50 1.09
N PHE A 132 0.34 0.97 1.27
CA PHE A 132 0.15 2.40 1.55
C PHE A 132 0.93 2.85 2.76
N PHE A 133 0.94 2.02 3.80
CA PHE A 133 1.65 2.36 5.03
C PHE A 133 3.16 2.45 4.86
N CYS A 134 3.67 2.09 3.69
CA CYS A 134 5.12 2.17 3.46
C CYS A 134 5.51 3.59 3.05
N LEU A 135 4.52 4.37 2.61
CA LEU A 135 4.76 5.74 2.19
C LEU A 135 4.44 6.76 3.28
N ARG A 136 5.44 7.55 3.65
CA ARG A 136 5.24 8.57 4.67
C ARG A 136 4.39 9.72 4.17
N LEU A 137 3.65 10.32 5.10
CA LEU A 137 2.81 11.48 4.82
C LEU A 137 3.57 12.65 5.44
N HIS A 138 3.66 13.78 4.74
CA HIS A 138 4.35 14.93 5.30
C HIS A 138 3.55 15.43 6.49
N PRO A 139 4.23 15.92 7.55
CA PRO A 139 3.52 16.43 8.73
C PRO A 139 2.49 17.51 8.43
N THR A 140 2.68 18.27 7.36
CA THR A 140 1.73 19.33 7.03
C THR A 140 0.42 18.76 6.50
N SER A 141 0.46 17.53 6.00
CA SER A 141 -0.74 16.91 5.45
C SER A 141 -1.38 15.92 6.42
N GLN A 142 -0.63 15.54 7.45
CA GLN A 142 -1.15 14.59 8.44
C GLN A 142 -2.46 15.00 9.12
N PRO A 143 -2.64 16.29 9.43
CA PRO A 143 -3.86 16.74 10.09
C PRO A 143 -5.17 16.46 9.34
N LEU A 144 -5.09 16.40 8.02
CA LEU A 144 -6.27 16.15 7.19
C LEU A 144 -7.00 14.86 7.53
N PHE A 145 -6.26 13.87 7.98
CA PHE A 145 -6.82 12.54 8.22
C PHE A 145 -7.13 12.14 9.66
N ALA A 146 -7.23 13.13 10.55
CA ALA A 146 -7.50 12.84 11.96
C ALA A 146 -8.89 12.26 12.24
N PHE A 147 -8.97 11.45 13.28
CA PHE A 147 -10.24 10.87 13.74
C PHE A 147 -10.16 10.81 15.25
N GLU A 148 -11.29 10.58 15.90
CA GLU A 148 -11.30 10.53 17.36
C GLU A 148 -11.14 9.12 17.92
N TRP A 149 -10.43 9.01 19.03
CA TRP A 149 -10.26 7.71 19.68
C TRP A 149 -10.26 7.88 21.19
N ARG A 150 -11.30 7.35 21.83
CA ARG A 150 -11.42 7.45 23.27
C ARG A 150 -11.50 6.07 23.91
N ASP A 151 -10.75 5.89 24.99
CA ASP A 151 -10.73 4.63 25.73
C ASP A 151 -11.34 4.91 27.10
N PRO A 152 -12.65 4.64 27.26
CA PRO A 152 -13.41 4.85 28.49
C PRO A 152 -12.63 4.71 29.80
N GLU A 153 -11.85 3.63 29.92
CA GLU A 153 -11.05 3.41 31.12
C GLU A 153 -9.67 4.04 30.96
N MET A 154 -9.63 5.35 30.85
CA MET A 154 -8.38 6.10 30.69
C MET A 154 -7.79 5.85 29.31
N GLY A 155 -7.86 6.87 28.46
CA GLY A 155 -7.33 6.75 27.12
C GLY A 155 -6.38 7.88 26.76
N ILE A 156 -6.16 8.08 25.46
CA ILE A 156 -5.27 9.12 24.97
C ILE A 156 -6.02 10.43 24.69
N SER A 157 -5.26 11.49 24.45
CA SER A 157 -5.81 12.83 24.17
C SER A 157 -7.25 12.81 23.69
N GLY A 158 -7.42 12.78 22.38
CA GLY A 158 -8.75 12.76 21.80
C GLY A 158 -8.68 12.26 20.37
N GLN A 159 -7.82 12.90 19.58
CA GLN A 159 -7.66 12.53 18.17
C GLN A 159 -6.35 11.84 17.88
N LEU A 160 -6.38 11.06 16.80
CA LEU A 160 -5.21 10.35 16.30
C LEU A 160 -5.19 10.63 14.81
N THR A 161 -4.04 10.47 14.19
CA THR A 161 -3.95 10.63 12.76
C THR A 161 -2.84 9.77 12.21
N TRP A 162 -2.81 9.65 10.88
CA TRP A 162 -1.83 8.82 10.20
C TRP A 162 -0.55 9.54 9.81
N THR A 163 0.57 8.83 9.92
CA THR A 163 1.86 9.39 9.52
C THR A 163 2.27 8.73 8.21
N ARG A 164 1.39 7.88 7.70
CA ARG A 164 1.60 7.17 6.43
C ARG A 164 0.35 7.34 5.56
N LEU A 165 0.50 7.12 4.27
CA LEU A 165 -0.62 7.22 3.31
C LEU A 165 -1.74 6.32 3.82
N PRO A 166 -2.94 6.89 4.08
CA PRO A 166 -4.03 6.05 4.59
C PRO A 166 -5.00 5.37 3.64
N GLN A 167 -5.63 4.32 4.16
CA GLN A 167 -6.64 3.60 3.39
C GLN A 167 -7.85 4.52 3.36
N GLY A 168 -8.67 4.41 2.31
CA GLY A 168 -9.86 5.22 2.23
C GLY A 168 -9.67 6.58 1.56
N PHE A 169 -8.41 6.98 1.38
CA PHE A 169 -8.09 8.27 0.74
C PHE A 169 -8.13 8.04 -0.77
N LYS A 170 -8.90 8.86 -1.49
CA LYS A 170 -9.07 8.69 -2.94
C LYS A 170 -7.82 8.60 -3.80
N ASN A 171 -6.74 9.27 -3.38
CA ASN A 171 -5.52 9.23 -4.17
C ASN A 171 -4.46 8.24 -3.73
N SER A 172 -4.74 7.45 -2.69
CA SER A 172 -3.73 6.51 -2.23
C SER A 172 -3.27 5.50 -3.28
N PRO A 173 -4.21 4.88 -4.02
CA PRO A 173 -3.77 3.91 -5.02
C PRO A 173 -2.85 4.53 -6.07
N THR A 174 -3.25 5.68 -6.58
CA THR A 174 -2.46 6.36 -7.62
C THR A 174 -1.10 6.81 -7.11
N LEU A 175 -1.09 7.42 -5.92
CA LEU A 175 0.18 7.90 -5.36
C LEU A 175 1.12 6.74 -5.05
N PHE A 176 0.57 5.61 -4.60
CA PHE A 176 1.44 4.47 -4.32
C PHE A 176 2.01 3.90 -5.63
N ASP A 177 1.14 3.71 -6.63
CA ASP A 177 1.57 3.19 -7.91
C ASP A 177 2.67 4.08 -8.51
N GLU A 178 2.50 5.39 -8.38
CA GLU A 178 3.51 6.31 -8.93
C GLU A 178 4.81 6.23 -8.13
N ALA A 179 4.71 6.12 -6.82
CA ALA A 179 5.90 6.01 -5.97
C ALA A 179 6.69 4.75 -6.28
N LEU A 180 6.00 3.61 -6.40
CA LEU A 180 6.70 2.36 -6.66
C LEU A 180 7.33 2.39 -8.05
N HIS A 181 6.66 3.03 -9.01
CA HIS A 181 7.23 3.13 -10.35
C HIS A 181 8.57 3.88 -10.29
N ARG A 182 8.62 4.93 -9.48
CA ARG A 182 9.86 5.69 -9.35
C ARG A 182 10.95 4.82 -8.71
N ASP A 183 10.57 4.02 -7.72
CA ASP A 183 11.54 3.16 -7.03
C ASP A 183 12.00 1.94 -7.83
N LEU A 184 11.19 1.50 -8.79
CA LEU A 184 11.57 0.34 -9.59
C LEU A 184 12.05 0.69 -11.00
N ALA A 185 12.24 1.98 -11.25
CA ALA A 185 12.69 2.42 -12.57
C ALA A 185 14.07 1.84 -12.91
N ASP A 186 14.98 1.87 -11.95
CA ASP A 186 16.32 1.35 -12.17
C ASP A 186 16.29 -0.16 -12.42
N PHE A 187 15.48 -0.88 -11.66
CA PHE A 187 15.36 -2.32 -11.82
C PHE A 187 14.98 -2.64 -13.27
N ARG A 188 14.02 -1.91 -13.81
CA ARG A 188 13.59 -2.13 -15.18
C ARG A 188 14.76 -1.94 -16.15
N ILE A 189 15.58 -0.93 -15.87
CA ILE A 189 16.73 -0.63 -16.73
C ILE A 189 17.79 -1.72 -16.65
N GLN A 190 18.01 -2.26 -15.46
CA GLN A 190 19.01 -3.30 -15.26
C GLN A 190 18.55 -4.65 -15.81
N HIS A 191 17.26 -4.81 -16.00
CA HIS A 191 16.71 -6.07 -16.49
C HIS A 191 15.82 -5.84 -17.71
N PRO A 192 16.42 -5.36 -18.82
CA PRO A 192 15.75 -5.07 -20.09
C PRO A 192 14.97 -6.22 -20.70
N ASP A 193 15.36 -7.45 -20.38
CA ASP A 193 14.68 -8.61 -20.96
C ASP A 193 13.56 -9.18 -20.10
N LEU A 194 13.21 -8.49 -19.02
CA LEU A 194 12.13 -8.95 -18.17
C LEU A 194 10.94 -8.02 -18.35
N ILE A 195 9.76 -8.56 -18.12
CA ILE A 195 8.53 -7.77 -18.20
C ILE A 195 8.08 -7.60 -16.76
N LEU A 196 7.78 -6.38 -16.36
CA LEU A 196 7.32 -6.13 -15.00
C LEU A 196 6.02 -5.32 -15.07
N LEU A 197 4.93 -5.92 -14.62
CA LEU A 197 3.64 -5.23 -14.62
C LEU A 197 3.35 -4.81 -13.19
N GLN A 198 2.93 -3.56 -13.00
CA GLN A 198 2.60 -3.05 -11.67
C GLN A 198 1.17 -2.55 -11.63
N TYR A 199 0.39 -3.04 -10.67
CA TYR A 199 -0.98 -2.58 -10.49
C TYR A 199 -1.08 -2.25 -8.99
N VAL A 200 -0.64 -1.05 -8.64
CA VAL A 200 -0.59 -0.59 -7.26
C VAL A 200 0.31 -1.54 -6.44
N ASP A 201 -0.27 -2.41 -5.61
CA ASP A 201 0.56 -3.31 -4.81
C ASP A 201 0.69 -4.73 -5.38
N ASP A 202 0.13 -4.96 -6.56
CA ASP A 202 0.18 -6.27 -7.21
C ASP A 202 1.17 -6.29 -8.35
N LEU A 203 2.22 -7.11 -8.21
CA LEU A 203 3.28 -7.18 -9.19
C LEU A 203 3.40 -8.51 -9.96
N LEU A 204 3.67 -8.41 -11.26
CA LEU A 204 3.87 -9.57 -12.11
C LEU A 204 5.21 -9.44 -12.83
N LEU A 205 6.07 -10.43 -12.64
CA LEU A 205 7.37 -10.42 -13.31
C LEU A 205 7.29 -11.57 -14.31
N ALA A 206 7.62 -11.30 -15.56
CA ALA A 206 7.56 -12.31 -16.60
C ALA A 206 8.91 -12.47 -17.29
N ALA A 207 9.31 -13.73 -17.50
CA ALA A 207 10.58 -14.02 -18.15
C ALA A 207 10.38 -15.07 -19.23
N THR A 208 11.38 -15.21 -20.10
CA THR A 208 11.33 -16.18 -21.21
C THR A 208 11.72 -17.59 -20.79
N SER A 209 12.43 -17.72 -19.69
CA SER A 209 12.84 -19.04 -19.21
C SER A 209 12.73 -19.12 -17.70
N GLU A 210 12.70 -20.34 -17.17
CA GLU A 210 12.59 -20.54 -15.73
C GLU A 210 13.81 -19.94 -15.04
N LEU A 211 14.95 -20.01 -15.72
CA LEU A 211 16.20 -19.47 -15.17
C LEU A 211 16.10 -17.96 -15.05
N ASP A 212 15.76 -17.28 -16.15
CA ASP A 212 15.64 -15.84 -16.15
C ASP A 212 14.65 -15.38 -15.09
N CYS A 213 13.60 -16.17 -14.87
CA CYS A 213 12.60 -15.81 -13.88
C CYS A 213 13.14 -15.96 -12.46
N GLN A 214 13.93 -17.01 -12.23
CA GLN A 214 14.49 -17.22 -10.90
C GLN A 214 15.46 -16.09 -10.57
N GLN A 215 16.33 -15.78 -11.51
CA GLN A 215 17.32 -14.71 -11.33
C GLN A 215 16.65 -13.35 -11.23
N GLY A 216 15.62 -13.15 -12.04
CA GLY A 216 14.91 -11.88 -12.01
C GLY A 216 14.14 -11.72 -10.71
N THR A 217 13.54 -12.80 -10.23
CA THR A 217 12.78 -12.77 -8.99
C THR A 217 13.70 -12.49 -7.79
N ARG A 218 14.89 -13.08 -7.81
CA ARG A 218 15.86 -12.84 -6.73
C ARG A 218 16.20 -11.35 -6.70
N ALA A 219 16.48 -10.81 -7.88
CA ALA A 219 16.84 -9.40 -7.99
C ALA A 219 15.70 -8.48 -7.57
N LEU A 220 14.47 -8.83 -7.92
CA LEU A 220 13.31 -8.02 -7.55
C LEU A 220 13.09 -8.04 -6.04
N LEU A 221 13.18 -9.22 -5.44
CA LEU A 221 12.99 -9.35 -4.01
C LEU A 221 14.06 -8.52 -3.28
N GLN A 222 15.31 -8.67 -3.70
CA GLN A 222 16.39 -7.92 -3.06
C GLN A 222 16.16 -6.41 -3.17
N THR A 223 15.75 -5.97 -4.35
CA THR A 223 15.49 -4.55 -4.60
C THR A 223 14.32 -4.04 -3.75
N LEU A 224 13.22 -4.77 -3.76
CA LEU A 224 12.05 -4.37 -2.96
C LEU A 224 12.41 -4.27 -1.48
N GLY A 225 13.14 -5.26 -0.99
CA GLY A 225 13.53 -5.26 0.41
C GLY A 225 14.41 -4.08 0.78
N ASN A 226 15.40 -3.78 -0.06
CA ASN A 226 16.29 -2.66 0.19
C ASN A 226 15.58 -1.33 0.15
N LEU A 227 14.57 -1.23 -0.71
CA LEU A 227 13.81 0.01 -0.88
C LEU A 227 12.84 0.26 0.28
N GLY A 228 12.54 -0.79 1.03
CA GLY A 228 11.64 -0.64 2.18
C GLY A 228 10.25 -1.24 2.01
N TYR A 229 10.04 -1.96 0.91
CA TYR A 229 8.76 -2.60 0.66
C TYR A 229 8.79 -4.02 1.18
N ARG A 230 7.62 -4.58 1.45
CA ARG A 230 7.51 -5.94 1.96
C ARG A 230 6.46 -6.73 1.20
N ALA A 231 6.85 -7.88 0.67
CA ALA A 231 5.95 -8.74 -0.09
C ALA A 231 5.42 -9.88 0.77
N SER A 232 4.23 -10.37 0.44
CA SER A 232 3.64 -11.47 1.20
C SER A 232 4.25 -12.82 0.79
N ALA A 233 4.97 -13.46 1.70
CA ALA A 233 5.58 -14.75 1.40
C ALA A 233 4.49 -15.81 1.29
N LYS A 234 3.45 -15.67 2.10
CA LYS A 234 2.34 -16.62 2.09
C LYS A 234 1.62 -16.68 0.74
N LYS A 235 1.38 -15.52 0.14
CA LYS A 235 0.68 -15.46 -1.14
C LYS A 235 1.55 -15.51 -2.39
N ALA A 236 2.86 -15.37 -2.23
CA ALA A 236 3.77 -15.39 -3.37
C ALA A 236 3.67 -16.61 -4.28
N GLN A 237 3.76 -16.35 -5.59
CA GLN A 237 3.72 -17.39 -6.61
C GLN A 237 5.04 -17.18 -7.36
N ILE A 238 6.00 -18.08 -7.14
CA ILE A 238 7.31 -17.92 -7.75
C ILE A 238 7.71 -18.85 -8.89
N CYS A 239 8.12 -18.23 -9.99
CA CYS A 239 8.57 -18.93 -11.19
C CYS A 239 7.69 -20.09 -11.63
N GLN A 240 6.42 -19.79 -11.86
CA GLN A 240 5.47 -20.82 -12.28
C GLN A 240 5.00 -20.55 -13.70
N LYS A 241 4.44 -21.56 -14.34
CA LYS A 241 3.96 -21.41 -15.71
C LYS A 241 2.47 -21.08 -15.69
N GLN A 242 1.91 -21.04 -14.49
CA GLN A 242 0.50 -20.73 -14.30
C GLN A 242 0.35 -19.96 -12.99
N VAL A 243 -0.18 -18.74 -13.07
CA VAL A 243 -0.37 -17.93 -11.88
C VAL A 243 -1.68 -17.16 -11.91
N LYS A 244 -2.14 -16.75 -10.73
CA LYS A 244 -3.36 -15.96 -10.60
C LYS A 244 -2.91 -14.51 -10.45
N TYR A 245 -3.39 -13.63 -11.32
CA TYR A 245 -2.99 -12.23 -11.25
C TYR A 245 -4.16 -11.33 -11.65
N LEU A 246 -4.54 -10.44 -10.75
CA LEU A 246 -5.62 -9.49 -11.00
C LEU A 246 -6.91 -10.15 -11.48
N GLY A 247 -7.28 -11.26 -10.87
CA GLY A 247 -8.50 -11.96 -11.26
C GLY A 247 -8.36 -12.86 -12.47
N TYR A 248 -7.18 -12.87 -13.09
CA TYR A 248 -6.96 -13.72 -14.25
C TYR A 248 -6.08 -14.90 -13.90
N LEU A 249 -6.22 -15.97 -14.67
CA LEU A 249 -5.38 -17.15 -14.50
C LEU A 249 -4.48 -17.07 -15.70
N LEU A 250 -3.23 -16.68 -15.50
CA LEU A 250 -2.28 -16.58 -16.60
C LEU A 250 -1.70 -17.97 -16.81
N LYS A 251 -1.87 -18.49 -18.02
CA LYS A 251 -1.37 -19.82 -18.35
C LYS A 251 -0.88 -19.87 -19.78
N GLU A 252 0.44 -20.06 -19.93
CA GLU A 252 1.07 -20.16 -21.23
C GLU A 252 0.59 -19.12 -22.25
N GLY A 253 0.84 -17.85 -21.96
CA GLY A 253 0.46 -16.79 -22.86
C GLY A 253 -1.01 -16.43 -22.90
N GLN A 254 -1.89 -17.31 -22.42
CA GLN A 254 -3.31 -17.03 -22.43
C GLN A 254 -3.74 -16.06 -21.34
N ARG A 255 -4.37 -14.97 -21.77
CA ARG A 255 -4.86 -13.91 -20.89
C ARG A 255 -3.76 -13.08 -20.27
C ACT D . -8.09 21.85 16.81
O ACT D . -6.84 21.98 16.68
OXT ACT D . -8.58 20.98 17.53
CH3 ACT D . -9.05 22.82 16.05
C ACT E . -2.44 -0.61 4.44
O ACT E . -1.40 -0.35 3.84
OXT ACT E . -2.69 -1.76 4.91
CH3 ACT E . -3.49 0.52 4.59
C ACT F . -8.64 9.16 -9.27
O ACT F . -8.66 10.38 -9.16
OXT ACT F . -7.83 8.46 -8.61
CH3 ACT F . -9.65 8.48 -10.24
C ACT G . -14.32 5.38 20.11
O ACT G . -13.88 4.33 19.58
OXT ACT G . -14.96 5.33 21.18
CH3 ACT G . -14.07 6.76 19.45
C ACT H . 16.70 -18.99 -4.26
O ACT H . 16.92 -19.26 -5.45
OXT ACT H . 17.21 -17.98 -3.71
CH3 ACT H . 15.76 -19.93 -3.46
C1 MWB I . -26.13 -1.35 -7.09
C2 MWB I . -28.50 -3.39 -6.72
C3 MWB I . -27.48 -0.93 -6.51
C4 MWB I . -25.93 -2.86 -7.52
C5 MWB I . -27.12 -3.87 -7.33
C6 MWB I . -28.58 -1.88 -6.34
C7 MWB I . -31.74 -3.19 -5.56
C8 MWB I . -33.14 -5.91 -5.63
C9 MWB I . -30.89 -4.39 -6.11
C10 MWB I . -33.14 -3.31 -5.11
C11 MWB I . -33.91 -4.65 -5.13
C12 MWB I . -31.64 -5.79 -6.13
N1 MWB I . -29.59 -4.39 -6.56
C13 MWB I . -36.26 -3.83 -4.25
N2 MWB I . -36.18 -2.44 -4.32
N3 MWB I . -37.44 -4.23 -3.68
C14 MWB I . -24.57 0.58 -6.42
N4 MWB I . -25.07 0.91 -5.18
N5 MWB I . -23.53 1.38 -6.77
N6 MWB I . -25.03 -0.42 -7.26
N7 MWB I . -35.31 -4.77 -4.70
C15 MWB I . -37.39 -1.82 -3.76
C16 MWB I . -38.24 -3.04 -3.33
C17 MWB I . -24.31 2.02 -4.62
C18 MWB I . -23.27 2.34 -5.70
#